data_4A1X
#
_entry.id   4A1X
#
_cell.length_a   93.320
_cell.length_b   93.320
_cell.length_c   82.400
_cell.angle_alpha   90.00
_cell.angle_beta   90.00
_cell.angle_gamma   120.00
#
_symmetry.space_group_name_H-M   'P 61'
#
loop_
_entity.id
_entity.type
_entity.pdbx_description
1 polymer 'NONSTRUCTURAL PROTEIN 4A, SERINE PROTEASE NS3'
2 polymer 'CP5-46-A PEPTIDE'
3 non-polymer 'ZINC ION'
4 non-polymer 'CHLORIDE ION'
5 water water
#
loop_
_entity_poly.entity_id
_entity_poly.type
_entity_poly.pdbx_seq_one_letter_code
_entity_poly.pdbx_strand_id
1 'polypeptide(L)'
;GSVVIVGRIILSGKGGPITAYSQQTRGLLGCIITSLTGRDRNQVEGEVQVVSTATQSFLATCVNGVCWTVYHGAGSKTLA
GPKGPITQMYTNVDQDLVGWQAPPGARSLTPCTCGSSDLYLVTRHADVIPVRRRGDSRGSLLSPRPVSYLKGSSGGPLLC
PSGHAVGIFRAAVCTRGVAKAVDFVPVESMETTMRGSHHHHHH
;
A,B
2 'polypeptide(L)' GELGRLVYLLDGPGYDPIHCD C,D
#
loop_
_chem_comp.id
_chem_comp.type
_chem_comp.name
_chem_comp.formula
CL non-polymer 'CHLORIDE ION' 'Cl -1'
ZN non-polymer 'ZINC ION' 'Zn 2'
#
# COMPACT_ATOMS: atom_id res chain seq x y z
N GLY A 1 13.39 -11.29 -19.12
CA GLY A 1 11.93 -11.44 -18.87
C GLY A 1 11.61 -11.10 -17.42
N SER A 2 10.46 -11.53 -16.97
CA SER A 2 10.02 -11.25 -15.63
C SER A 2 10.69 -12.21 -14.65
N VAL A 3 10.78 -11.78 -13.41
CA VAL A 3 11.03 -12.67 -12.28
C VAL A 3 9.78 -13.56 -12.06
N VAL A 4 10.00 -14.84 -11.80
CA VAL A 4 8.93 -15.81 -11.67
C VAL A 4 9.03 -16.55 -10.33
N ILE A 5 7.92 -16.67 -9.61
CA ILE A 5 7.88 -17.49 -8.41
C ILE A 5 7.90 -18.95 -8.83
N VAL A 6 8.86 -19.71 -8.30
CA VAL A 6 9.00 -21.12 -8.72
C VAL A 6 8.90 -22.06 -7.53
N GLY A 7 8.74 -21.47 -6.34
CA GLY A 7 8.55 -22.27 -5.13
C GLY A 7 8.35 -21.36 -3.94
N ARG A 8 8.18 -21.95 -2.78
CA ARG A 8 8.02 -21.09 -1.61
C ARG A 8 8.55 -21.77 -0.38
N ILE A 9 8.81 -20.95 0.63
CA ILE A 9 9.22 -21.45 1.93
C ILE A 9 8.17 -20.98 2.94
N ILE A 10 7.69 -21.93 3.73
N ILE A 10 7.65 -21.92 3.71
CA ILE A 10 6.62 -21.68 4.69
CA ILE A 10 6.63 -21.59 4.69
C ILE A 10 7.22 -21.80 6.09
C ILE A 10 7.17 -21.80 6.09
N LEU A 11 7.05 -20.75 6.90
CA LEU A 11 7.61 -20.71 8.26
C LEU A 11 6.57 -21.17 9.26
N SER A 12 7.03 -21.79 10.35
CA SER A 12 6.15 -22.40 11.35
C SER A 12 5.11 -21.43 11.90
N PRO A 17 9.73 -22.15 18.53
CA PRO A 17 10.96 -22.39 17.78
C PRO A 17 10.73 -22.31 16.27
N ILE A 18 11.58 -21.58 15.57
CA ILE A 18 11.36 -21.30 14.16
C ILE A 18 11.76 -22.48 13.27
N THR A 19 10.78 -22.98 12.52
CA THR A 19 11.04 -24.02 11.54
C THR A 19 10.48 -23.61 10.18
N ALA A 20 10.93 -24.31 9.15
CA ALA A 20 10.64 -23.96 7.77
C ALA A 20 10.63 -25.19 6.90
N TYR A 21 9.78 -25.17 5.87
CA TYR A 21 9.89 -26.19 4.82
C TYR A 21 9.60 -25.53 3.48
N SER A 22 10.10 -26.15 2.41
CA SER A 22 10.00 -25.58 1.06
C SER A 22 9.07 -26.47 0.24
N GLN A 23 8.49 -25.89 -0.83
CA GLN A 23 7.65 -26.63 -1.77
C GLN A 23 7.93 -26.02 -3.13
N GLN A 24 8.26 -26.87 -4.08
CA GLN A 24 8.34 -26.43 -5.46
C GLN A 24 6.96 -26.11 -5.99
N THR A 25 6.86 -25.10 -6.86
CA THR A 25 5.60 -24.84 -7.56
C THR A 25 5.72 -24.85 -9.09
N ARG A 26 6.91 -24.59 -9.63
CA ARG A 26 7.09 -24.54 -11.10
C ARG A 26 8.29 -25.31 -11.55
N GLY A 27 8.17 -25.91 -12.73
CA GLY A 27 9.29 -26.56 -13.37
C GLY A 27 10.04 -25.59 -14.26
N LEU A 28 11.15 -26.07 -14.82
CA LEU A 28 12.06 -25.19 -15.54
C LEU A 28 11.42 -24.62 -16.81
N LEU A 29 10.67 -25.45 -17.53
CA LEU A 29 10.04 -25.00 -18.76
C LEU A 29 8.96 -23.95 -18.50
N GLY A 30 8.07 -24.23 -17.54
CA GLY A 30 7.00 -23.29 -17.16
C GLY A 30 7.58 -21.99 -16.63
N CYS A 31 8.70 -22.09 -15.93
CA CYS A 31 9.44 -20.92 -15.47
C CYS A 31 9.88 -20.02 -16.65
N ILE A 32 10.58 -20.60 -17.63
CA ILE A 32 11.02 -19.85 -18.81
C ILE A 32 9.83 -19.23 -19.57
N ILE A 33 8.75 -20.00 -19.76
CA ILE A 33 7.56 -19.48 -20.48
C ILE A 33 6.91 -18.33 -19.71
N THR A 34 6.71 -18.54 -18.41
CA THR A 34 6.10 -17.55 -17.55
C THR A 34 6.95 -16.27 -17.50
N SER A 35 8.26 -16.42 -17.63
CA SER A 35 9.16 -15.25 -17.67
C SER A 35 8.89 -14.37 -18.91
N LEU A 36 8.58 -15.02 -20.03
CA LEU A 36 8.34 -14.31 -21.29
C LEU A 36 6.97 -13.67 -21.35
N THR A 37 5.98 -14.34 -20.77
CA THR A 37 4.61 -13.82 -20.82
C THR A 37 4.34 -12.85 -19.68
N GLY A 38 5.03 -13.02 -18.55
CA GLY A 38 4.78 -12.19 -17.38
C GLY A 38 3.48 -12.52 -16.66
N ARG A 39 2.85 -13.62 -17.06
CA ARG A 39 1.56 -14.02 -16.58
C ARG A 39 1.66 -15.28 -15.71
N ASP A 40 1.36 -15.14 -14.41
CA ASP A 40 1.45 -16.27 -13.51
C ASP A 40 0.13 -16.48 -12.78
N ARG A 41 -0.59 -17.56 -13.12
CA ARG A 41 -1.91 -17.82 -12.53
C ARG A 41 -1.90 -18.67 -11.25
N ASN A 42 -0.75 -19.21 -10.86
CA ASN A 42 -0.64 -20.05 -9.67
C ASN A 42 -0.99 -19.31 -8.39
N GLN A 43 -1.54 -20.05 -7.42
CA GLN A 43 -1.77 -19.52 -6.08
C GLN A 43 -0.43 -19.33 -5.36
N VAL A 44 -0.32 -18.23 -4.64
CA VAL A 44 0.89 -17.95 -3.88
C VAL A 44 0.62 -18.26 -2.41
N GLU A 45 1.58 -18.89 -1.74
CA GLU A 45 1.48 -19.11 -0.29
C GLU A 45 2.83 -18.84 0.34
N GLY A 46 2.86 -18.68 1.66
CA GLY A 46 4.13 -18.59 2.38
C GLY A 46 4.73 -17.19 2.46
N GLU A 47 5.73 -17.07 3.31
CA GLU A 47 6.38 -15.80 3.62
C GLU A 47 7.56 -15.51 2.70
N VAL A 48 8.16 -16.57 2.19
CA VAL A 48 9.37 -16.47 1.37
C VAL A 48 9.08 -17.14 0.03
N GLN A 49 9.39 -16.47 -1.07
CA GLN A 49 9.19 -17.06 -2.39
C GLN A 49 10.55 -17.41 -2.95
N VAL A 50 10.65 -18.57 -3.60
CA VAL A 50 11.82 -18.90 -4.39
C VAL A 50 11.51 -18.34 -5.77
N VAL A 51 12.39 -17.48 -6.29
CA VAL A 51 12.11 -16.77 -7.52
C VAL A 51 13.22 -17.03 -8.52
N SER A 52 12.90 -16.89 -9.79
CA SER A 52 13.87 -17.18 -10.82
C SER A 52 13.65 -16.28 -12.05
N THR A 53 14.74 -15.94 -12.70
CA THR A 53 14.68 -15.43 -14.06
C THR A 53 15.12 -16.59 -14.97
N ALA A 54 15.27 -16.31 -16.26
CA ALA A 54 15.80 -17.28 -17.21
C ALA A 54 17.25 -17.66 -16.87
N THR A 55 17.95 -16.82 -16.10
CA THR A 55 19.37 -17.06 -15.89
C THR A 55 19.82 -17.27 -14.44
N GLN A 56 18.98 -16.91 -13.47
CA GLN A 56 19.42 -17.01 -12.08
C GLN A 56 18.25 -17.11 -11.12
N SER A 57 18.51 -17.65 -9.93
CA SER A 57 17.45 -17.86 -8.94
C SER A 57 17.92 -17.47 -7.55
N PHE A 58 16.96 -17.13 -6.70
CA PHE A 58 17.22 -16.46 -5.43
C PHE A 58 15.90 -16.37 -4.66
N LEU A 59 15.89 -15.59 -3.58
CA LEU A 59 14.73 -15.59 -2.70
C LEU A 59 14.12 -14.21 -2.62
N ALA A 60 12.84 -14.15 -2.31
CA ALA A 60 12.16 -12.86 -2.02
C ALA A 60 11.36 -13.05 -0.74
N THR A 61 11.34 -12.03 0.11
CA THR A 61 10.71 -12.10 1.42
C THR A 61 9.59 -11.06 1.51
N CYS A 62 8.38 -11.46 1.92
N CYS A 62 8.40 -11.50 1.94
CA CYS A 62 7.30 -10.48 2.02
CA CYS A 62 7.28 -10.59 2.14
C CYS A 62 7.15 -9.91 3.44
C CYS A 62 7.36 -9.92 3.52
N VAL A 63 7.32 -8.59 3.55
CA VAL A 63 7.27 -7.85 4.83
C VAL A 63 6.30 -6.69 4.65
N ASN A 64 5.27 -6.62 5.49
CA ASN A 64 4.23 -5.59 5.39
C ASN A 64 3.65 -5.40 3.99
N GLY A 65 3.26 -6.49 3.35
CA GLY A 65 2.57 -6.38 2.06
C GLY A 65 3.43 -6.05 0.86
N VAL A 66 4.75 -6.02 1.04
CA VAL A 66 5.70 -5.87 -0.06
C VAL A 66 6.63 -7.10 -0.11
N CYS A 67 6.78 -7.73 -1.28
N CYS A 67 6.83 -7.61 -1.31
CA CYS A 67 7.81 -8.77 -1.38
CA CYS A 67 7.75 -8.68 -1.58
C CYS A 67 9.10 -8.14 -1.87
C CYS A 67 9.13 -8.09 -1.91
N TRP A 68 10.10 -8.29 -1.02
CA TRP A 68 11.40 -7.64 -1.16
C TRP A 68 12.42 -8.61 -1.63
N THR A 69 13.39 -8.12 -2.41
CA THR A 69 14.51 -8.96 -2.79
C THR A 69 15.69 -8.11 -3.17
N VAL A 70 16.74 -8.76 -3.61
CA VAL A 70 17.99 -8.08 -3.91
C VAL A 70 18.03 -7.55 -5.33
N TYR A 71 18.53 -6.33 -5.48
CA TYR A 71 18.73 -5.77 -6.80
C TYR A 71 19.67 -6.61 -7.69
N HIS A 72 20.73 -7.19 -7.11
CA HIS A 72 21.68 -7.98 -7.92
C HIS A 72 21.05 -9.24 -8.48
N GLY A 73 19.92 -9.65 -7.90
CA GLY A 73 19.14 -10.77 -8.42
C GLY A 73 18.08 -10.35 -9.44
N ALA A 74 17.24 -9.39 -9.04
CA ALA A 74 16.04 -9.03 -9.80
C ALA A 74 16.26 -7.91 -10.82
N GLY A 75 17.32 -7.12 -10.65
CA GLY A 75 17.52 -5.91 -11.48
C GLY A 75 16.26 -5.04 -11.45
N SER A 76 15.85 -4.54 -12.61
N SER A 76 15.85 -4.53 -12.60
CA SER A 76 14.67 -3.67 -12.72
CA SER A 76 14.66 -3.67 -12.67
C SER A 76 13.41 -4.42 -13.15
C SER A 76 13.42 -4.42 -13.18
N LYS A 77 13.47 -5.75 -13.12
CA LYS A 77 12.46 -6.61 -13.75
C LYS A 77 11.11 -6.56 -13.05
N THR A 78 10.07 -6.77 -13.85
CA THR A 78 8.73 -7.01 -13.33
C THR A 78 8.65 -8.41 -12.68
N LEU A 79 7.61 -8.61 -11.87
CA LEU A 79 7.31 -9.92 -11.29
C LEU A 79 6.08 -10.47 -11.99
N ALA A 80 6.17 -11.70 -12.47
CA ALA A 80 5.00 -12.32 -13.15
C ALA A 80 3.84 -12.45 -12.17
N GLY A 81 2.65 -12.10 -12.61
CA GLY A 81 1.48 -12.11 -11.69
C GLY A 81 0.21 -12.48 -12.42
N PRO A 82 -0.91 -12.62 -11.67
CA PRO A 82 -2.19 -13.10 -12.21
C PRO A 82 -2.81 -12.18 -13.28
N LYS A 83 -2.52 -10.88 -13.19
CA LYS A 83 -3.04 -9.97 -14.18
C LYS A 83 -1.93 -9.45 -15.09
N GLY A 84 -0.82 -10.18 -15.14
CA GLY A 84 0.32 -9.78 -15.95
C GLY A 84 1.43 -9.23 -15.08
N PRO A 85 2.52 -8.75 -15.73
CA PRO A 85 3.75 -8.34 -15.04
C PRO A 85 3.50 -7.24 -14.02
N ILE A 86 4.11 -7.37 -12.85
CA ILE A 86 3.94 -6.38 -11.78
C ILE A 86 5.19 -5.50 -11.76
N THR A 87 5.01 -4.18 -11.93
CA THR A 87 6.16 -3.25 -11.88
C THR A 87 6.66 -3.11 -10.43
N GLN A 88 7.96 -2.99 -10.27
CA GLN A 88 8.54 -2.72 -8.95
C GLN A 88 7.92 -1.47 -8.35
N MET A 89 7.53 -1.59 -7.09
CA MET A 89 7.00 -0.49 -6.30
C MET A 89 8.15 0.31 -5.72
N TYR A 90 9.26 -0.37 -5.40
CA TYR A 90 10.47 0.25 -4.85
C TYR A 90 11.73 -0.27 -5.54
N THR A 91 12.62 0.63 -5.93
CA THR A 91 13.84 0.26 -6.62
C THR A 91 14.95 1.12 -6.02
N ASN A 92 15.72 0.54 -5.10
CA ASN A 92 16.83 1.25 -4.42
C ASN A 92 18.15 0.59 -4.74
N VAL A 93 18.79 1.04 -5.81
CA VAL A 93 20.00 0.39 -6.32
C VAL A 93 21.15 0.45 -5.29
N ASP A 94 21.29 1.58 -4.60
CA ASP A 94 22.41 1.74 -3.67
C ASP A 94 22.37 0.77 -2.49
N GLN A 95 21.16 0.54 -1.97
CA GLN A 95 20.94 -0.40 -0.88
C GLN A 95 20.73 -1.83 -1.37
N ASP A 96 20.77 -2.02 -2.69
CA ASP A 96 20.68 -3.33 -3.35
C ASP A 96 19.30 -3.96 -3.07
N LEU A 97 18.25 -3.14 -3.11
CA LEU A 97 16.93 -3.54 -2.62
C LEU A 97 15.84 -3.21 -3.64
N VAL A 98 15.01 -4.19 -3.97
CA VAL A 98 13.81 -3.93 -4.77
C VAL A 98 12.59 -4.53 -4.09
N GLY A 99 11.42 -3.98 -4.42
CA GLY A 99 10.17 -4.53 -3.90
C GLY A 99 9.03 -4.42 -4.88
N TRP A 100 8.17 -5.45 -4.88
CA TRP A 100 6.90 -5.43 -5.61
C TRP A 100 5.80 -5.54 -4.60
N GLN A 101 4.64 -4.99 -4.92
CA GLN A 101 3.45 -5.25 -4.11
C GLN A 101 3.24 -6.77 -4.02
N ALA A 102 3.09 -7.26 -2.80
CA ALA A 102 3.02 -8.71 -2.57
C ALA A 102 1.79 -9.32 -3.24
N PRO A 103 1.98 -10.45 -3.94
CA PRO A 103 0.81 -11.19 -4.42
C PRO A 103 -0.14 -11.49 -3.26
N PRO A 104 -1.45 -11.50 -3.51
N PRO A 104 -1.45 -11.42 -3.54
CA PRO A 104 -2.43 -11.56 -2.41
CA PRO A 104 -2.44 -11.86 -2.57
C PRO A 104 -2.34 -12.77 -1.47
C PRO A 104 -2.23 -13.35 -2.35
N GLY A 105 -1.91 -13.91 -1.99
N GLY A 105 -2.25 -13.78 -1.09
CA GLY A 105 -1.83 -15.13 -1.18
CA GLY A 105 -1.94 -15.15 -0.78
C GLY A 105 -0.63 -15.23 -0.25
C GLY A 105 -0.55 -15.28 -0.18
N ALA A 106 0.36 -14.34 -0.48
CA ALA A 106 1.64 -14.33 0.25
C ALA A 106 1.34 -13.91 1.67
N ARG A 107 2.04 -14.49 2.63
CA ARG A 107 1.85 -14.13 4.04
C ARG A 107 2.97 -13.18 4.43
N SER A 108 2.62 -12.00 4.93
CA SER A 108 3.64 -10.99 5.26
C SER A 108 4.25 -11.19 6.63
N LEU A 109 5.56 -11.00 6.73
CA LEU A 109 6.22 -10.85 8.03
C LEU A 109 5.97 -9.43 8.53
N THR A 110 6.02 -9.23 9.84
CA THR A 110 6.00 -7.90 10.38
C THR A 110 7.42 -7.55 10.86
N PRO A 111 7.83 -6.28 10.75
CA PRO A 111 9.18 -5.91 11.15
C PRO A 111 9.45 -6.13 12.63
N CYS A 112 10.67 -6.55 12.96
CA CYS A 112 11.06 -6.72 14.35
C CYS A 112 11.17 -5.35 15.06
N THR A 113 10.61 -5.28 16.26
CA THR A 113 10.63 -4.07 17.09
C THR A 113 11.29 -4.34 18.45
N CYS A 114 11.72 -5.58 18.67
CA CYS A 114 12.29 -6.00 19.95
C CYS A 114 13.78 -5.72 20.07
N GLY A 115 14.44 -5.50 18.94
CA GLY A 115 15.88 -5.26 18.90
C GLY A 115 16.79 -6.39 19.34
N SER A 116 16.29 -7.64 19.35
CA SER A 116 17.13 -8.79 19.69
C SER A 116 18.34 -8.88 18.76
N SER A 117 19.46 -9.34 19.30
CA SER A 117 20.64 -9.63 18.47
C SER A 117 20.77 -11.13 18.17
N ASP A 118 19.82 -11.93 18.68
CA ASP A 118 19.79 -13.36 18.47
C ASP A 118 18.88 -13.69 17.28
N LEU A 119 19.48 -13.98 16.14
CA LEU A 119 18.72 -14.06 14.90
C LEU A 119 18.77 -15.43 14.28
N TYR A 120 17.88 -15.63 13.32
CA TYR A 120 17.87 -16.83 12.50
C TYR A 120 17.88 -16.43 11.04
N LEU A 121 18.65 -17.13 10.22
CA LEU A 121 18.63 -16.91 8.79
C LEU A 121 17.92 -18.14 8.19
N VAL A 122 16.98 -17.91 7.29
CA VAL A 122 16.28 -19.02 6.65
C VAL A 122 16.88 -19.14 5.26
N THR A 123 17.45 -20.29 4.97
CA THR A 123 18.13 -20.49 3.70
C THR A 123 17.21 -21.05 2.63
N ARG A 124 17.70 -21.03 1.40
CA ARG A 124 17.00 -21.63 0.25
C ARG A 124 16.60 -23.10 0.48
N HIS A 125 17.38 -23.84 1.27
CA HIS A 125 17.01 -25.22 1.57
C HIS A 125 16.12 -25.40 2.78
N ALA A 126 15.51 -24.28 3.21
CA ALA A 126 14.57 -24.21 4.35
C ALA A 126 15.22 -24.62 5.69
N ASP A 127 16.53 -24.47 5.76
CA ASP A 127 17.24 -24.62 7.03
C ASP A 127 17.20 -23.28 7.75
N VAL A 128 17.10 -23.34 9.06
CA VAL A 128 17.01 -22.14 9.87
C VAL A 128 18.29 -22.14 10.71
N ILE A 129 19.18 -21.18 10.46
CA ILE A 129 20.50 -21.21 11.08
C ILE A 129 20.73 -19.97 11.96
N PRO A 130 21.38 -20.18 13.12
CA PRO A 130 21.60 -19.09 14.08
C PRO A 130 22.60 -18.05 13.58
N VAL A 131 22.23 -16.80 13.79
CA VAL A 131 23.08 -15.66 13.46
C VAL A 131 23.08 -14.73 14.68
N ARG A 132 24.23 -14.11 14.92
CA ARG A 132 24.37 -13.13 15.98
C ARG A 132 24.55 -11.78 15.31
N ARG A 133 23.62 -10.85 15.52
CA ARG A 133 23.76 -9.52 14.93
C ARG A 133 25.01 -8.83 15.48
N ARG A 134 25.75 -8.17 14.60
CA ARG A 134 27.05 -7.57 14.94
C ARG A 134 27.08 -6.10 14.58
N GLY A 135 25.92 -5.52 14.27
CA GLY A 135 25.81 -4.13 13.82
C GLY A 135 24.61 -3.99 12.91
N ASP A 136 24.47 -2.82 12.30
CA ASP A 136 23.32 -2.50 11.45
C ASP A 136 23.04 -3.55 10.37
N SER A 137 24.08 -3.98 9.67
CA SER A 137 23.88 -4.77 8.47
C SER A 137 24.77 -5.99 8.38
N ARG A 138 25.23 -6.50 9.53
CA ARG A 138 26.10 -7.69 9.57
C ARG A 138 25.72 -8.60 10.72
N GLY A 139 25.79 -9.90 10.48
CA GLY A 139 25.63 -10.89 11.54
C GLY A 139 26.63 -12.01 11.35
N SER A 140 27.19 -12.53 12.44
CA SER A 140 28.10 -13.65 12.28
C SER A 140 27.35 -14.98 12.28
N LEU A 141 27.80 -15.91 11.46
CA LEU A 141 27.21 -17.25 11.52
C LEU A 141 27.81 -17.94 12.73
N LEU A 142 26.97 -18.42 13.65
CA LEU A 142 27.50 -19.04 14.86
C LEU A 142 28.12 -20.39 14.55
N SER A 143 27.61 -21.01 13.50
CA SER A 143 28.25 -22.18 12.93
C SER A 143 28.59 -21.93 11.46
N PRO A 144 29.88 -21.69 11.16
CA PRO A 144 30.28 -21.44 9.77
C PRO A 144 29.93 -22.61 8.85
N ARG A 145 29.49 -22.28 7.64
CA ARG A 145 29.09 -23.30 6.68
C ARG A 145 29.77 -22.99 5.35
N PRO A 146 29.94 -24.01 4.49
CA PRO A 146 30.47 -23.70 3.18
C PRO A 146 29.53 -22.71 2.49
N VAL A 147 30.09 -21.80 1.71
CA VAL A 147 29.30 -20.81 0.99
C VAL A 147 28.30 -21.48 0.03
N SER A 148 28.65 -22.68 -0.43
CA SER A 148 27.79 -23.49 -1.29
C SER A 148 26.43 -23.72 -0.67
N TYR A 149 26.42 -23.87 0.65
CA TYR A 149 25.20 -24.10 1.42
C TYR A 149 24.27 -22.89 1.39
N LEU A 150 24.81 -21.70 1.13
CA LEU A 150 24.02 -20.46 1.12
C LEU A 150 23.71 -19.99 -0.29
N LYS A 151 24.29 -20.67 -1.28
CA LYS A 151 24.00 -20.39 -2.68
C LYS A 151 22.48 -20.44 -2.97
N GLY A 152 21.99 -19.43 -3.65
CA GLY A 152 20.58 -19.39 -3.97
C GLY A 152 19.73 -18.75 -2.89
N SER A 153 20.37 -18.29 -1.79
CA SER A 153 19.59 -17.75 -0.67
C SER A 153 19.50 -16.21 -0.60
N SER A 154 20.19 -15.52 -1.50
N SER A 154 20.19 -15.52 -1.50
CA SER A 154 20.17 -14.06 -1.51
CA SER A 154 20.14 -14.06 -1.54
C SER A 154 18.73 -13.54 -1.57
C SER A 154 18.70 -13.58 -1.54
N GLY A 155 18.37 -12.63 -0.66
CA GLY A 155 16.99 -12.14 -0.58
C GLY A 155 16.14 -12.80 0.48
N GLY A 156 16.72 -13.81 1.14
CA GLY A 156 16.04 -14.55 2.23
C GLY A 156 16.02 -13.78 3.54
N PRO A 157 15.15 -14.20 4.48
CA PRO A 157 14.92 -13.36 5.65
C PRO A 157 15.88 -13.70 6.80
N LEU A 158 16.20 -12.65 7.56
CA LEU A 158 16.78 -12.79 8.89
C LEU A 158 15.67 -12.49 9.85
N LEU A 159 15.48 -13.37 10.83
CA LEU A 159 14.34 -13.29 11.73
C LEU A 159 14.82 -13.19 13.16
N CYS A 160 14.05 -12.53 14.02
CA CYS A 160 14.34 -12.47 15.43
C CYS A 160 13.63 -13.67 16.08
N PRO A 161 13.83 -13.89 17.40
CA PRO A 161 13.27 -15.09 18.01
C PRO A 161 11.74 -15.20 17.97
N SER A 162 11.06 -14.06 17.82
N SER A 162 11.03 -14.08 17.84
CA SER A 162 9.61 -14.01 17.71
CA SER A 162 9.58 -14.15 17.72
C SER A 162 9.10 -14.15 16.27
C SER A 162 9.13 -14.52 16.30
N GLY A 163 10.03 -14.37 15.34
CA GLY A 163 9.70 -14.63 13.94
C GLY A 163 9.33 -13.37 13.19
N HIS A 164 9.76 -12.22 13.70
CA HIS A 164 9.59 -10.96 12.98
C HIS A 164 10.81 -10.63 12.14
N ALA A 165 10.61 -9.85 11.09
CA ALA A 165 11.70 -9.52 10.13
C ALA A 165 12.73 -8.50 10.62
N VAL A 166 13.99 -8.90 10.61
N VAL A 166 14.00 -8.88 10.59
CA VAL A 166 15.11 -8.01 10.94
CA VAL A 166 15.09 -7.97 10.95
C VAL A 166 15.79 -7.46 9.68
C VAL A 166 16.04 -7.63 9.80
N GLY A 167 15.86 -8.29 8.66
CA GLY A 167 16.52 -7.88 7.43
C GLY A 167 16.41 -8.91 6.35
N ILE A 168 16.93 -8.58 5.18
CA ILE A 168 17.08 -9.56 4.12
C ILE A 168 18.54 -9.77 3.77
N PHE A 169 18.87 -11.04 3.59
CA PHE A 169 20.20 -11.53 3.29
C PHE A 169 20.69 -11.03 1.92
N ARG A 170 21.87 -10.41 1.92
CA ARG A 170 22.41 -9.76 0.71
C ARG A 170 23.64 -10.50 0.18
N ALA A 171 24.61 -10.76 1.07
CA ALA A 171 25.88 -11.31 0.63
C ALA A 171 26.48 -12.05 1.81
N ALA A 172 27.37 -13.00 1.51
CA ALA A 172 28.11 -13.74 2.54
C ALA A 172 29.50 -13.14 2.63
N VAL A 173 30.05 -13.14 3.84
CA VAL A 173 31.45 -12.74 4.08
C VAL A 173 32.20 -14.04 4.24
N CYS A 174 33.14 -14.28 3.33
N CYS A 174 33.11 -14.32 3.31
CA CYS A 174 33.77 -15.58 3.21
CA CYS A 174 33.75 -15.62 3.27
C CYS A 174 35.30 -15.57 3.19
C CYS A 174 35.27 -15.59 3.17
N THR A 175 35.88 -16.61 3.76
CA THR A 175 37.32 -16.85 3.69
C THR A 175 37.46 -18.32 3.28
N ARG A 176 38.14 -18.55 2.15
CA ARG A 176 38.47 -19.91 1.71
C ARG A 176 37.23 -20.78 1.49
N GLY A 177 36.15 -20.18 1.01
CA GLY A 177 34.91 -20.90 0.71
C GLY A 177 34.01 -21.18 1.91
N VAL A 178 34.38 -20.63 3.07
CA VAL A 178 33.60 -20.80 4.28
C VAL A 178 32.96 -19.47 4.67
N ALA A 179 31.63 -19.47 4.75
CA ALA A 179 30.87 -18.31 5.14
C ALA A 179 30.94 -18.15 6.65
N LYS A 180 31.46 -17.02 7.09
CA LYS A 180 31.62 -16.72 8.51
C LYS A 180 30.60 -15.71 8.96
N ALA A 181 30.13 -14.87 8.04
CA ALA A 181 29.19 -13.83 8.38
C ALA A 181 28.30 -13.52 7.20
N VAL A 182 27.20 -12.85 7.48
CA VAL A 182 26.29 -12.44 6.43
C VAL A 182 26.17 -10.93 6.46
N ASP A 183 26.02 -10.35 5.29
CA ASP A 183 25.70 -8.95 5.11
C ASP A 183 24.21 -8.92 4.78
N PHE A 184 23.46 -8.00 5.38
CA PHE A 184 22.02 -7.92 5.12
C PHE A 184 21.52 -6.47 5.04
N VAL A 185 20.38 -6.31 4.38
CA VAL A 185 19.67 -5.04 4.32
C VAL A 185 18.72 -4.99 5.52
N PRO A 186 18.93 -4.05 6.46
CA PRO A 186 18.08 -3.98 7.65
C PRO A 186 16.67 -3.57 7.29
N VAL A 187 15.71 -4.00 8.11
CA VAL A 187 14.31 -3.70 7.84
C VAL A 187 14.05 -2.17 7.88
N GLU A 188 14.91 -1.45 8.60
CA GLU A 188 14.89 0.02 8.65
C GLU A 188 15.02 0.65 7.25
N SER A 189 15.91 0.10 6.44
CA SER A 189 16.13 0.57 5.07
C SER A 189 14.92 0.35 4.17
N MET A 190 14.11 -0.65 4.49
CA MET A 190 12.83 -0.87 3.82
C MET A 190 11.85 0.24 4.19
N GLU A 191 11.86 0.64 5.45
CA GLU A 191 11.02 1.74 5.92
C GLU A 191 11.46 3.09 5.32
N THR A 192 12.77 3.34 5.34
CA THR A 192 13.34 4.52 4.69
C THR A 192 13.08 4.54 3.17
N THR A 193 13.20 3.38 2.51
CA THR A 193 12.89 3.27 1.07
C THR A 193 11.42 3.62 0.80
N MET A 194 10.51 3.12 1.63
CA MET A 194 9.05 3.34 1.47
C MET A 194 8.58 4.78 1.69
N ARG A 195 8.77 5.29 2.90
CA ARG A 195 8.37 6.66 3.26
C ARG A 195 9.53 7.64 3.08
N GLY B 1 -24.31 -0.23 -9.22
CA GLY B 1 -23.23 0.29 -10.10
C GLY B 1 -22.04 0.79 -9.30
N SER B 2 -20.95 1.09 -9.99
CA SER B 2 -19.77 1.61 -9.31
C SER B 2 -19.93 3.09 -8.98
N VAL B 3 -19.13 3.53 -8.02
CA VAL B 3 -18.92 4.95 -7.72
C VAL B 3 -18.02 5.47 -8.83
N VAL B 4 -18.33 6.66 -9.34
CA VAL B 4 -17.58 7.24 -10.46
C VAL B 4 -17.03 8.62 -10.11
N ILE B 5 -15.76 8.85 -10.42
CA ILE B 5 -15.22 10.21 -10.29
C ILE B 5 -15.82 11.13 -11.37
N VAL B 6 -16.46 12.20 -10.95
CA VAL B 6 -17.09 13.12 -11.92
C VAL B 6 -16.52 14.53 -11.83
N GLY B 7 -15.58 14.75 -10.91
CA GLY B 7 -14.87 16.05 -10.86
C GLY B 7 -13.81 15.98 -9.80
N ARG B 8 -13.14 17.10 -9.58
CA ARG B 8 -12.05 17.11 -8.59
C ARG B 8 -11.92 18.50 -8.02
N ILE B 9 -11.40 18.57 -6.80
CA ILE B 9 -11.13 19.83 -6.13
C ILE B 9 -9.63 19.80 -5.92
N ILE B 10 -8.98 20.90 -6.30
N ILE B 10 -8.96 20.87 -6.35
CA ILE B 10 -7.54 21.02 -6.24
CA ILE B 10 -7.51 20.95 -6.20
C ILE B 10 -7.18 22.09 -5.20
C ILE B 10 -7.11 22.08 -5.26
N LEU B 11 -6.32 21.73 -4.26
CA LEU B 11 -5.99 22.61 -3.14
C LEU B 11 -4.70 23.38 -3.33
N SER B 12 -4.54 24.43 -2.51
CA SER B 12 -3.31 25.23 -2.31
C SER B 12 -3.53 26.70 -2.61
N GLY B 15 2.61 27.68 0.69
CA GLY B 15 1.17 27.74 0.49
C GLY B 15 0.57 29.05 0.95
N GLY B 16 0.51 29.23 2.27
CA GLY B 16 -0.13 30.38 2.89
C GLY B 16 -1.56 30.05 3.29
N PRO B 17 -2.52 30.93 2.95
CA PRO B 17 -3.92 30.65 3.28
C PRO B 17 -4.43 29.53 2.36
N ILE B 18 -5.31 28.68 2.89
CA ILE B 18 -5.79 27.52 2.12
C ILE B 18 -6.86 27.93 1.11
N THR B 19 -6.63 27.63 -0.15
CA THR B 19 -7.60 27.91 -1.20
C THR B 19 -7.85 26.66 -2.05
N ALA B 20 -8.91 26.68 -2.83
CA ALA B 20 -9.28 25.51 -3.60
C ALA B 20 -10.13 25.96 -4.78
N TYR B 21 -10.14 25.14 -5.83
CA TYR B 21 -11.05 25.33 -6.94
C TYR B 21 -11.49 23.97 -7.46
N SER B 22 -12.62 23.93 -8.16
CA SER B 22 -13.17 22.65 -8.62
C SER B 22 -13.12 22.61 -10.15
N GLN B 23 -13.05 21.39 -10.71
CA GLN B 23 -13.20 21.20 -12.15
C GLN B 23 -14.09 19.99 -12.35
N GLN B 24 -15.11 20.14 -13.19
CA GLN B 24 -15.89 19.01 -13.62
C GLN B 24 -15.06 18.14 -14.59
N THR B 25 -15.28 16.82 -14.53
CA THR B 25 -14.60 15.96 -15.49
C THR B 25 -15.57 15.08 -16.27
N ARG B 26 -16.74 14.81 -15.72
CA ARG B 26 -17.71 13.93 -16.41
C ARG B 26 -19.08 14.52 -16.39
N GLY B 27 -19.84 14.24 -17.44
CA GLY B 27 -21.23 14.59 -17.45
C GLY B 27 -22.11 13.43 -17.03
N LEU B 28 -23.39 13.76 -16.90
CA LEU B 28 -24.40 12.85 -16.40
C LEU B 28 -24.51 11.51 -17.15
N LEU B 29 -24.57 11.55 -18.48
CA LEU B 29 -24.67 10.31 -19.24
C LEU B 29 -23.42 9.47 -19.05
N GLY B 30 -22.24 10.09 -19.18
CA GLY B 30 -20.97 9.37 -19.03
C GLY B 30 -20.82 8.77 -17.65
N CYS B 31 -21.28 9.50 -16.64
CA CYS B 31 -21.32 9.02 -15.27
C CYS B 31 -22.15 7.72 -15.15
N ILE B 32 -23.39 7.74 -15.67
CA ILE B 32 -24.27 6.57 -15.63
C ILE B 32 -23.66 5.36 -16.36
N ILE B 33 -23.15 5.58 -17.57
CA ILE B 33 -22.53 4.50 -18.34
C ILE B 33 -21.29 3.93 -17.62
N THR B 34 -20.42 4.83 -17.15
CA THR B 34 -19.23 4.44 -16.41
C THR B 34 -19.58 3.68 -15.11
N SER B 35 -20.69 4.04 -14.48
N SER B 35 -20.68 4.04 -14.47
CA SER B 35 -21.13 3.33 -13.28
CA SER B 35 -21.12 3.32 -13.29
C SER B 35 -21.50 1.87 -13.58
C SER B 35 -21.41 1.84 -13.63
N LEU B 36 -21.98 1.62 -14.81
CA LEU B 36 -22.36 0.27 -15.26
C LEU B 36 -21.18 -0.58 -15.70
N THR B 37 -20.24 0.05 -16.38
CA THR B 37 -19.08 -0.68 -16.88
C THR B 37 -17.99 -0.84 -15.82
N GLY B 38 -17.91 0.12 -14.91
CA GLY B 38 -16.85 0.13 -13.89
C GLY B 38 -15.50 0.52 -14.47
N ARG B 39 -15.50 1.00 -15.70
CA ARG B 39 -14.27 1.28 -16.42
C ARG B 39 -14.15 2.79 -16.64
N ASP B 40 -13.14 3.40 -16.05
CA ASP B 40 -12.96 4.84 -16.15
C ASP B 40 -11.55 5.13 -16.63
N ARG B 41 -11.42 5.60 -17.87
CA ARG B 41 -10.09 5.86 -18.45
C ARG B 41 -9.58 7.30 -18.27
N ASN B 42 -10.38 8.15 -17.66
CA ASN B 42 -9.95 9.53 -17.41
C ASN B 42 -8.74 9.65 -16.49
N GLN B 43 -7.93 10.68 -16.75
CA GLN B 43 -6.85 11.10 -15.86
C GLN B 43 -7.44 11.62 -14.56
N VAL B 44 -6.87 11.21 -13.44
CA VAL B 44 -7.25 11.72 -12.13
C VAL B 44 -6.21 12.75 -11.70
N GLU B 45 -6.66 13.85 -11.10
CA GLU B 45 -5.78 14.84 -10.47
C GLU B 45 -6.45 15.36 -9.21
N GLY B 46 -5.68 16.02 -8.35
CA GLY B 46 -6.24 16.67 -7.18
C GLY B 46 -6.35 15.79 -5.95
N GLU B 47 -6.59 16.43 -4.81
CA GLU B 47 -6.61 15.75 -3.52
C GLU B 47 -8.00 15.25 -3.13
N VAL B 48 -9.02 15.87 -3.72
CA VAL B 48 -10.42 15.59 -3.39
C VAL B 48 -11.15 15.27 -4.69
N GLN B 49 -11.85 14.14 -4.72
CA GLN B 49 -12.61 13.78 -5.92
C GLN B 49 -14.08 14.02 -5.65
N VAL B 50 -14.81 14.51 -6.64
CA VAL B 50 -16.25 14.58 -6.56
C VAL B 50 -16.70 13.27 -7.19
N VAL B 51 -17.49 12.49 -6.47
CA VAL B 51 -17.86 11.14 -6.93
C VAL B 51 -19.37 10.99 -6.95
N SER B 52 -19.86 10.07 -7.75
CA SER B 52 -21.30 9.90 -7.89
C SER B 52 -21.60 8.45 -8.22
N THR B 53 -22.76 8.02 -7.74
CA THR B 53 -23.37 6.81 -8.24
C THR B 53 -24.50 7.26 -9.15
N ALA B 54 -25.36 6.33 -9.56
CA ALA B 54 -26.52 6.70 -10.38
C ALA B 54 -27.55 7.45 -9.57
N THR B 55 -27.48 7.38 -8.24
CA THR B 55 -28.49 8.07 -7.43
C THR B 55 -27.99 9.21 -6.51
N GLN B 56 -26.69 9.28 -6.21
CA GLN B 56 -26.26 10.33 -5.27
C GLN B 56 -24.82 10.73 -5.51
N SER B 57 -24.46 11.93 -5.09
CA SER B 57 -23.10 12.42 -5.25
C SER B 57 -22.57 13.00 -3.93
N PHE B 58 -21.24 13.03 -3.82
CA PHE B 58 -20.55 13.32 -2.55
C PHE B 58 -19.05 13.41 -2.85
N LEU B 59 -18.22 13.47 -1.82
CA LEU B 59 -16.79 13.73 -2.00
C LEU B 59 -15.98 12.57 -1.50
N ALA B 60 -14.76 12.41 -2.02
CA ALA B 60 -13.83 11.43 -1.50
C ALA B 60 -12.49 12.16 -1.39
N THR B 61 -11.74 11.86 -0.34
CA THR B 61 -10.50 12.58 -0.05
C THR B 61 -9.33 11.58 -0.03
N CYS B 62 -8.24 11.89 -0.73
N CYS B 62 -8.25 11.92 -0.73
CA CYS B 62 -7.07 11.02 -0.75
CA CYS B 62 -7.05 11.09 -0.75
C CYS B 62 -6.09 11.36 0.37
C CYS B 62 -6.17 11.42 0.46
N VAL B 63 -5.87 10.40 1.26
CA VAL B 63 -4.95 10.54 2.42
C VAL B 63 -4.03 9.30 2.45
N ASN B 64 -2.72 9.52 2.37
CA ASN B 64 -1.74 8.43 2.36
C ASN B 64 -2.02 7.30 1.36
N GLY B 65 -2.32 7.67 0.12
CA GLY B 65 -2.50 6.70 -0.96
C GLY B 65 -3.80 5.93 -0.91
N VAL B 66 -4.73 6.38 -0.07
CA VAL B 66 -6.06 5.80 0.00
C VAL B 66 -7.09 6.90 -0.26
N CYS B 67 -8.04 6.64 -1.16
N CYS B 67 -8.07 6.60 -1.09
CA CYS B 67 -9.19 7.53 -1.34
CA CYS B 67 -9.16 7.48 -1.36
C CYS B 67 -10.31 7.13 -0.38
C CYS B 67 -10.31 7.12 -0.40
N TRP B 68 -10.59 8.01 0.56
CA TRP B 68 -11.56 7.75 1.63
C TRP B 68 -12.86 8.44 1.41
N THR B 69 -13.96 7.78 1.75
CA THR B 69 -15.24 8.45 1.71
C THR B 69 -16.19 7.88 2.75
N VAL B 70 -17.42 8.39 2.74
CA VAL B 70 -18.43 7.93 3.68
C VAL B 70 -19.14 6.68 3.18
N TYR B 71 -19.35 5.75 4.12
CA TYR B 71 -20.14 4.55 3.83
C TYR B 71 -21.60 4.89 3.45
N HIS B 72 -22.19 5.93 4.05
CA HIS B 72 -23.56 6.26 3.66
C HIS B 72 -23.68 6.77 2.24
N GLY B 73 -22.56 7.14 1.65
CA GLY B 73 -22.53 7.57 0.26
C GLY B 73 -22.18 6.41 -0.66
N ALA B 74 -21.08 5.71 -0.36
CA ALA B 74 -20.52 4.71 -1.27
C ALA B 74 -21.08 3.30 -1.03
N GLY B 75 -21.63 3.06 0.16
CA GLY B 75 -22.00 1.69 0.55
C GLY B 75 -20.79 0.76 0.37
N SER B 76 -21.04 -0.41 -0.21
N SER B 76 -21.04 -0.41 -0.20
CA SER B 76 -20.01 -1.44 -0.44
CA SER B 76 -20.01 -1.42 -0.42
C SER B 76 -19.41 -1.38 -1.85
C SER B 76 -19.49 -1.43 -1.86
N LYS B 77 -19.77 -0.35 -2.61
CA LYS B 77 -19.47 -0.30 -4.04
C LYS B 77 -18.00 -0.22 -4.43
N THR B 78 -17.73 -0.70 -5.64
CA THR B 78 -16.44 -0.54 -6.27
C THR B 78 -16.32 0.87 -6.82
N LEU B 79 -15.10 1.28 -7.12
CA LEU B 79 -14.81 2.60 -7.71
C LEU B 79 -14.38 2.32 -9.12
N ALA B 80 -15.00 3.02 -10.09
CA ALA B 80 -14.63 2.81 -11.50
C ALA B 80 -13.17 3.22 -11.72
N GLY B 81 -12.41 2.39 -12.43
CA GLY B 81 -10.96 2.63 -12.62
C GLY B 81 -10.48 2.23 -14.00
N PRO B 82 -9.22 2.58 -14.32
CA PRO B 82 -8.66 2.36 -15.67
C PRO B 82 -8.57 0.87 -16.04
N LYS B 83 -8.42 0.01 -15.04
CA LYS B 83 -8.39 -1.43 -15.35
C LYS B 83 -9.71 -2.10 -14.96
N GLY B 84 -10.74 -1.31 -14.72
CA GLY B 84 -12.01 -1.84 -14.26
C GLY B 84 -12.25 -1.52 -12.78
N PRO B 85 -13.34 -2.08 -12.22
CA PRO B 85 -13.81 -1.70 -10.89
C PRO B 85 -12.75 -2.00 -9.84
N ILE B 86 -12.62 -1.09 -8.90
CA ILE B 86 -11.64 -1.24 -7.82
C ILE B 86 -12.41 -1.62 -6.57
N THR B 87 -12.10 -2.78 -6.00
CA THR B 87 -12.74 -3.22 -4.77
C THR B 87 -12.25 -2.36 -3.60
N GLN B 88 -13.15 -2.06 -2.67
CA GLN B 88 -12.79 -1.36 -1.45
C GLN B 88 -11.66 -2.09 -0.72
N MET B 89 -10.68 -1.31 -0.29
CA MET B 89 -9.56 -1.81 0.49
C MET B 89 -9.98 -1.85 1.96
N TYR B 90 -10.85 -0.93 2.36
CA TYR B 90 -11.29 -0.80 3.75
C TYR B 90 -12.77 -0.51 3.79
N THR B 91 -13.48 -1.20 4.65
CA THR B 91 -14.92 -1.03 4.76
C THR B 91 -15.28 -1.03 6.25
N ASN B 92 -15.43 0.15 6.84
CA ASN B 92 -15.73 0.26 8.27
C ASN B 92 -17.09 0.90 8.50
N VAL B 93 -18.10 0.05 8.56
CA VAL B 93 -19.48 0.50 8.65
C VAL B 93 -19.76 1.27 9.94
N ASP B 94 -19.15 0.83 11.06
CA ASP B 94 -19.34 1.49 12.37
C ASP B 94 -18.85 2.93 12.37
N GLN B 95 -17.75 3.17 11.66
CA GLN B 95 -17.15 4.50 11.56
C GLN B 95 -17.67 5.29 10.35
N ASP B 96 -18.57 4.68 9.58
CA ASP B 96 -19.13 5.28 8.36
C ASP B 96 -18.02 5.62 7.37
N LEU B 97 -17.06 4.70 7.23
CA LEU B 97 -15.85 4.96 6.49
C LEU B 97 -15.52 3.85 5.50
N VAL B 98 -15.22 4.22 4.26
CA VAL B 98 -14.72 3.25 3.27
C VAL B 98 -13.51 3.85 2.55
N GLY B 99 -12.62 3.00 2.06
CA GLY B 99 -11.50 3.48 1.30
C GLY B 99 -11.15 2.56 0.14
N TRP B 100 -10.70 3.16 -0.97
CA TRP B 100 -10.14 2.39 -2.10
C TRP B 100 -8.71 2.79 -2.30
N GLN B 101 -7.89 1.91 -2.83
CA GLN B 101 -6.55 2.36 -3.24
C GLN B 101 -6.72 3.55 -4.21
N ALA B 102 -6.01 4.62 -3.94
CA ALA B 102 -6.15 5.86 -4.70
C ALA B 102 -5.71 5.65 -6.15
N PRO B 103 -6.46 6.21 -7.11
CA PRO B 103 -6.01 6.26 -8.50
C PRO B 103 -4.62 6.91 -8.60
N PRO B 104 -3.78 6.46 -9.56
N PRO B 104 -3.80 6.39 -9.54
CA PRO B 104 -2.37 6.91 -9.60
CA PRO B 104 -2.56 7.03 -9.94
C PRO B 104 -2.13 8.42 -9.63
C PRO B 104 -2.92 8.36 -10.56
N GLY B 105 -2.94 9.16 -10.39
N GLY B 105 -2.30 9.43 -10.08
CA GLY B 105 -2.76 10.61 -10.55
CA GLY B 105 -2.67 10.76 -10.52
C GLY B 105 -3.16 11.45 -9.36
C GLY B 105 -3.28 11.56 -9.39
N ALA B 106 -4.02 10.90 -8.49
CA ALA B 106 -4.56 11.59 -7.33
C ALA B 106 -3.42 12.02 -6.40
N ARG B 107 -3.55 13.21 -5.82
CA ARG B 107 -2.54 13.73 -4.89
C ARG B 107 -2.98 13.49 -3.46
N SER B 108 -2.13 12.83 -2.67
CA SER B 108 -2.49 12.48 -1.31
C SER B 108 -2.21 13.60 -0.31
N LEU B 109 -3.14 13.82 0.60
CA LEU B 109 -2.87 14.65 1.77
C LEU B 109 -2.08 13.79 2.76
N THR B 110 -1.30 14.41 3.63
CA THR B 110 -0.70 13.64 4.72
C THR B 110 -1.42 13.98 6.03
N PRO B 111 -1.52 13.00 6.96
CA PRO B 111 -2.21 13.23 8.22
C PRO B 111 -1.61 14.36 9.02
N CYS B 112 -2.46 15.12 9.71
CA CYS B 112 -2.02 16.23 10.54
C CYS B 112 -1.44 15.68 11.84
N THR B 113 -0.32 16.25 12.27
CA THR B 113 0.37 15.83 13.48
C THR B 113 0.45 16.96 14.52
N CYS B 114 0.16 18.19 14.09
CA CYS B 114 0.33 19.39 14.94
C CYS B 114 -0.76 19.57 16.01
N GLY B 115 -1.87 18.85 15.85
CA GLY B 115 -3.00 18.91 16.78
C GLY B 115 -3.68 20.28 16.91
N SER B 116 -3.61 21.07 15.83
CA SER B 116 -4.25 22.40 15.81
C SER B 116 -5.75 22.30 16.01
N SER B 117 -6.35 23.33 16.61
CA SER B 117 -7.79 23.33 16.83
C SER B 117 -8.54 24.24 15.86
N ASP B 118 -7.81 25.05 15.11
CA ASP B 118 -8.44 25.83 14.04
C ASP B 118 -8.27 25.08 12.72
N LEU B 119 -9.41 24.60 12.22
CA LEU B 119 -9.46 23.75 11.04
C LEU B 119 -10.22 24.42 9.92
N TYR B 120 -10.19 23.78 8.76
CA TYR B 120 -10.79 24.31 7.55
C TYR B 120 -11.47 23.17 6.82
N LEU B 121 -12.76 23.35 6.56
CA LEU B 121 -13.52 22.37 5.79
C LEU B 121 -13.55 22.81 4.32
N VAL B 122 -13.23 21.89 3.42
CA VAL B 122 -13.30 22.19 1.99
C VAL B 122 -14.63 21.60 1.49
N THR B 123 -15.49 22.46 0.97
CA THR B 123 -16.82 22.00 0.54
C THR B 123 -16.82 21.63 -0.94
N ARG B 124 -17.92 21.03 -1.35
CA ARG B 124 -18.18 20.67 -2.73
C ARG B 124 -18.06 21.85 -3.69
N HIS B 125 -18.46 23.04 -3.26
CA HIS B 125 -18.29 24.23 -4.11
C HIS B 125 -16.91 24.83 -4.02
N ALA B 126 -15.98 24.09 -3.41
CA ALA B 126 -14.58 24.51 -3.26
C ALA B 126 -14.41 25.76 -2.38
N ASP B 127 -15.37 26.01 -1.51
CA ASP B 127 -15.19 27.03 -0.48
C ASP B 127 -14.45 26.41 0.69
N VAL B 128 -13.61 27.20 1.33
CA VAL B 128 -12.85 26.75 2.47
C VAL B 128 -13.44 27.48 3.67
N ILE B 129 -14.03 26.73 4.60
CA ILE B 129 -14.70 27.37 5.72
C ILE B 129 -14.07 27.03 7.08
N PRO B 130 -13.95 28.04 7.95
CA PRO B 130 -13.31 27.81 9.24
C PRO B 130 -14.15 26.97 10.21
N VAL B 131 -13.48 26.02 10.86
CA VAL B 131 -14.10 25.14 11.83
C VAL B 131 -13.26 25.11 13.12
N ARG B 132 -13.91 25.07 14.26
CA ARG B 132 -13.23 24.99 15.54
C ARG B 132 -13.41 23.60 16.09
N ARG B 133 -12.31 22.87 16.27
CA ARG B 133 -12.39 21.53 16.82
C ARG B 133 -12.93 21.52 18.26
N ARG B 134 -13.91 20.65 18.50
CA ARG B 134 -14.50 20.46 19.82
C ARG B 134 -14.51 18.97 20.13
N GLY B 135 -13.34 18.38 20.32
CA GLY B 135 -13.26 16.95 20.59
C GLY B 135 -12.75 16.13 19.42
N ASP B 136 -12.69 14.82 19.61
CA ASP B 136 -12.11 13.94 18.60
C ASP B 136 -12.80 14.04 17.23
N SER B 137 -14.13 14.10 17.23
CA SER B 137 -14.90 13.98 15.98
C SER B 137 -15.97 15.07 15.72
N ARG B 138 -15.87 16.21 16.41
CA ARG B 138 -16.81 17.31 16.22
C ARG B 138 -16.08 18.63 16.07
N GLY B 139 -16.65 19.52 15.27
CA GLY B 139 -16.16 20.89 15.15
C GLY B 139 -17.33 21.82 14.89
N SER B 140 -17.31 23.01 15.49
CA SER B 140 -18.40 23.95 15.29
C SER B 140 -18.02 24.87 14.14
N LEU B 141 -19.02 25.31 13.40
CA LEU B 141 -18.79 26.29 12.35
C LEU B 141 -18.63 27.67 12.98
N LEU B 142 -17.50 28.32 12.74
CA LEU B 142 -17.27 29.66 13.29
C LEU B 142 -18.19 30.69 12.65
N SER B 143 -18.57 30.44 11.41
CA SER B 143 -19.53 31.28 10.72
C SER B 143 -20.67 30.40 10.18
N PRO B 144 -21.79 30.32 10.93
CA PRO B 144 -22.85 29.39 10.53
C PRO B 144 -23.32 29.65 9.11
N ARG B 145 -23.67 28.59 8.41
CA ARG B 145 -24.15 28.70 7.03
C ARG B 145 -25.38 27.82 6.91
N PRO B 146 -26.23 28.04 5.89
CA PRO B 146 -27.36 27.14 5.72
C PRO B 146 -26.85 25.74 5.41
N VAL B 147 -27.53 24.70 5.89
CA VAL B 147 -27.10 23.33 5.63
C VAL B 147 -27.08 23.01 4.14
N SER B 148 -27.85 23.76 3.35
CA SER B 148 -27.84 23.61 1.90
C SER B 148 -26.47 23.94 1.30
N TYR B 149 -25.72 24.82 1.95
CA TYR B 149 -24.36 25.17 1.52
C TYR B 149 -23.44 23.94 1.57
N LEU B 150 -23.75 22.99 2.44
CA LEU B 150 -22.88 21.83 2.66
C LEU B 150 -23.38 20.59 1.93
N LYS B 151 -24.47 20.74 1.17
CA LYS B 151 -25.06 19.64 0.44
C LYS B 151 -24.07 19.11 -0.59
N GLY B 152 -23.87 17.80 -0.57
CA GLY B 152 -22.97 17.19 -1.54
C GLY B 152 -21.52 17.18 -1.09
N SER B 153 -21.25 17.63 0.15
CA SER B 153 -19.87 17.70 0.65
C SER B 153 -19.42 16.53 1.54
N SER B 154 -20.34 15.62 1.84
N SER B 154 -20.35 15.62 1.85
CA SER B 154 -20.03 14.47 2.68
CA SER B 154 -20.03 14.44 2.64
C SER B 154 -18.82 13.71 2.12
C SER B 154 -18.76 13.81 2.09
N GLY B 155 -17.83 13.43 2.96
CA GLY B 155 -16.60 12.79 2.52
C GLY B 155 -15.47 13.74 2.22
N GLY B 156 -15.73 15.05 2.33
CA GLY B 156 -14.70 16.09 2.08
C GLY B 156 -13.77 16.26 3.26
N PRO B 157 -12.61 16.93 3.04
CA PRO B 157 -11.57 16.99 4.06
C PRO B 157 -11.75 18.12 5.08
N LEU B 158 -11.33 17.83 6.31
CA LEU B 158 -11.01 18.84 7.29
C LEU B 158 -9.50 18.94 7.33
N LEU B 159 -8.99 20.16 7.17
CA LEU B 159 -7.56 20.40 7.13
C LEU B 159 -7.12 21.29 8.29
N CYS B 160 -5.87 21.13 8.70
CA CYS B 160 -5.26 22.06 9.66
C CYS B 160 -4.69 23.21 8.85
N PRO B 161 -4.15 24.25 9.53
CA PRO B 161 -3.67 25.40 8.77
C PRO B 161 -2.54 25.12 7.77
N SER B 162 -1.73 24.10 8.04
N SER B 162 -1.73 24.09 8.01
CA SER B 162 -0.67 23.70 7.11
CA SER B 162 -0.66 23.73 7.07
C SER B 162 -1.16 22.75 6.02
C SER B 162 -1.19 22.95 5.86
N GLY B 163 -2.48 22.63 5.87
CA GLY B 163 -3.10 21.86 4.79
C GLY B 163 -2.99 20.35 4.92
N HIS B 164 -2.72 19.87 6.13
CA HIS B 164 -2.67 18.43 6.37
C HIS B 164 -4.01 17.94 6.83
N ALA B 165 -4.30 16.67 6.57
CA ALA B 165 -5.63 16.09 6.84
C ALA B 165 -5.92 15.82 8.33
N VAL B 166 -7.04 16.33 8.84
N VAL B 166 -7.04 16.34 8.83
CA VAL B 166 -7.46 16.05 10.22
CA VAL B 166 -7.44 16.11 10.21
C VAL B 166 -8.58 15.04 10.23
C VAL B 166 -8.71 15.27 10.32
N GLY B 167 -9.38 15.04 9.18
CA GLY B 167 -10.52 14.16 9.14
C GLY B 167 -11.33 14.27 7.86
N ILE B 168 -12.39 13.49 7.79
CA ILE B 168 -13.34 13.68 6.71
C ILE B 168 -14.74 13.92 7.22
N PHE B 169 -15.39 14.87 6.58
CA PHE B 169 -16.71 15.33 6.93
C PHE B 169 -17.78 14.26 6.72
N ARG B 170 -18.52 13.93 7.76
CA ARG B 170 -19.57 12.92 7.62
C ARG B 170 -21.00 13.41 7.77
N ALA B 171 -21.24 14.40 8.63
CA ALA B 171 -22.61 14.86 8.87
C ALA B 171 -22.58 16.26 9.42
N ALA B 172 -23.69 16.98 9.28
CA ALA B 172 -23.81 18.30 9.86
C ALA B 172 -24.74 18.27 11.05
N VAL B 173 -24.51 19.18 11.98
CA VAL B 173 -25.39 19.33 13.12
C VAL B 173 -26.18 20.60 12.86
N CYS B 174 -27.49 20.44 12.79
CA CYS B 174 -28.37 21.47 12.26
C CYS B 174 -29.49 21.82 13.22
N THR B 175 -29.83 23.11 13.23
CA THR B 175 -30.97 23.59 13.98
C THR B 175 -31.63 24.60 13.07
N ARG B 176 -32.87 24.30 12.65
CA ARG B 176 -33.68 25.18 11.82
C ARG B 176 -33.07 25.54 10.46
N GLY B 177 -32.42 24.56 9.84
CA GLY B 177 -31.88 24.72 8.49
C GLY B 177 -30.49 25.35 8.50
N VAL B 178 -29.98 25.63 9.69
CA VAL B 178 -28.66 26.23 9.79
C VAL B 178 -27.67 25.24 10.38
N ALA B 179 -26.55 25.07 9.67
CA ALA B 179 -25.49 24.19 10.14
C ALA B 179 -24.64 24.92 11.15
N LYS B 180 -24.52 24.31 12.33
CA LYS B 180 -23.81 24.90 13.46
C LYS B 180 -22.52 24.17 13.75
N ALA B 181 -22.52 22.87 13.46
CA ALA B 181 -21.38 22.02 13.76
C ALA B 181 -21.28 20.92 12.70
N VAL B 182 -20.12 20.28 12.65
CA VAL B 182 -19.91 19.18 11.74
C VAL B 182 -19.36 18.01 12.53
N ASP B 183 -19.83 16.82 12.16
CA ASP B 183 -19.31 15.58 12.68
C ASP B 183 -18.32 15.05 11.64
N PHE B 184 -17.20 14.51 12.09
CA PHE B 184 -16.18 14.02 11.16
C PHE B 184 -15.51 12.75 11.62
N VAL B 185 -14.93 12.03 10.67
CA VAL B 185 -14.10 10.86 10.97
C VAL B 185 -12.66 11.32 11.12
N PRO B 186 -12.08 11.16 12.33
CA PRO B 186 -10.72 11.64 12.48
C PRO B 186 -9.74 10.77 11.72
N VAL B 187 -8.66 11.38 11.27
CA VAL B 187 -7.63 10.67 10.53
C VAL B 187 -7.06 9.47 11.33
N GLU B 188 -7.09 9.59 12.65
CA GLU B 188 -6.70 8.48 13.55
C GLU B 188 -7.50 7.20 13.26
N SER B 189 -8.81 7.34 13.05
CA SER B 189 -9.68 6.21 12.73
C SER B 189 -9.38 5.58 11.36
N MET B 190 -8.76 6.34 10.46
CA MET B 190 -8.28 5.79 9.21
C MET B 190 -7.06 4.92 9.48
N GLU B 191 -6.16 5.43 10.32
CA GLU B 191 -4.98 4.68 10.77
C GLU B 191 -5.36 3.38 11.51
N THR B 192 -6.34 3.48 12.41
CA THR B 192 -6.86 2.32 13.16
C THR B 192 -7.64 1.34 12.28
N THR B 193 -8.26 1.86 11.22
CA THR B 193 -8.90 1.02 10.19
C THR B 193 -7.80 0.29 9.39
N MET B 194 -6.72 1.00 9.08
CA MET B 194 -5.60 0.46 8.28
C MET B 194 -4.73 -0.54 9.04
N ARG B 195 -4.65 -0.39 10.36
CA ARG B 195 -3.79 -1.23 11.22
C ARG B 195 -4.01 -2.76 11.08
N GLY B 196 -5.23 -3.26 11.29
CA GLY B 196 -6.41 -2.48 11.67
C GLY B 196 -7.56 -3.35 12.15
N GLY C 4 38.19 -11.33 5.19
CA GLY C 4 36.92 -11.80 4.56
C GLY C 4 36.42 -10.89 3.45
N ARG C 5 35.88 -11.51 2.40
CA ARG C 5 35.36 -10.77 1.24
C ARG C 5 33.91 -11.15 0.90
N LEU C 6 33.20 -10.23 0.27
CA LEU C 6 31.78 -10.41 -0.06
C LEU C 6 31.53 -11.35 -1.24
N VAL C 7 30.81 -12.42 -0.98
CA VAL C 7 30.37 -13.34 -2.02
C VAL C 7 28.86 -13.19 -2.23
N TYR C 8 28.45 -13.16 -3.49
CA TYR C 8 27.04 -13.08 -3.84
C TYR C 8 26.50 -14.48 -4.13
N LEU C 9 25.26 -14.71 -3.71
CA LEU C 9 24.72 -16.05 -3.60
C LEU C 9 23.51 -16.28 -4.50
N LEU C 10 23.69 -15.92 -5.78
CA LEU C 10 22.76 -16.30 -6.82
C LEU C 10 23.04 -17.74 -7.24
N ASP C 11 21.99 -18.49 -7.55
CA ASP C 11 22.17 -19.78 -8.15
C ASP C 11 21.67 -19.69 -9.59
N GLY C 12 21.80 -20.79 -10.36
CA GLY C 12 21.28 -20.84 -11.71
C GLY C 12 19.75 -20.84 -11.73
N PRO C 13 19.15 -20.89 -12.93
CA PRO C 13 17.69 -20.75 -13.04
C PRO C 13 16.91 -21.97 -12.54
N GLY C 14 15.68 -21.73 -12.09
CA GLY C 14 14.81 -22.80 -11.68
C GLY C 14 14.79 -23.01 -10.17
N TYR C 15 13.81 -23.78 -9.72
CA TYR C 15 13.67 -24.12 -8.30
C TYR C 15 14.86 -24.95 -7.82
N ASP C 16 15.27 -25.92 -8.63
CA ASP C 16 16.44 -26.76 -8.33
C ASP C 16 17.42 -26.70 -9.50
N PRO C 17 18.31 -25.71 -9.46
CA PRO C 17 19.14 -25.41 -10.62
C PRO C 17 20.01 -26.61 -11.04
N ILE C 18 20.14 -26.81 -12.34
CA ILE C 18 20.95 -27.90 -12.89
C ILE C 18 22.46 -27.53 -12.93
N HIS C 19 23.29 -28.38 -12.32
CA HIS C 19 24.74 -28.21 -12.30
C HIS C 19 25.45 -29.38 -12.95
N CYS C 20 26.41 -29.07 -13.82
CA CYS C 20 27.23 -30.10 -14.47
C CYS C 20 28.54 -29.50 -15.00
N LEU D 6 -28.21 15.32 13.71
CA LEU D 6 -27.31 14.96 12.56
C LEU D 6 -28.07 14.94 11.24
N VAL D 7 -27.59 15.73 10.29
CA VAL D 7 -28.11 15.74 8.92
C VAL D 7 -27.04 15.24 7.94
N TYR D 8 -27.46 14.37 7.03
CA TYR D 8 -26.60 13.75 6.02
C TYR D 8 -26.66 14.53 4.72
N LEU D 9 -25.50 14.70 4.10
CA LEU D 9 -25.31 15.71 3.09
C LEU D 9 -24.97 15.11 1.73
N LEU D 10 -25.76 14.12 1.33
CA LEU D 10 -25.65 13.59 -0.03
C LEU D 10 -26.42 14.52 -0.96
N ASP D 11 -25.94 14.65 -2.20
CA ASP D 11 -26.73 15.34 -3.21
C ASP D 11 -27.18 14.31 -4.26
N GLY D 12 -27.96 14.76 -5.24
CA GLY D 12 -28.38 13.90 -6.33
C GLY D 12 -27.20 13.56 -7.23
N PRO D 13 -27.44 12.73 -8.26
CA PRO D 13 -26.31 12.24 -9.03
C PRO D 13 -25.67 13.29 -9.94
N GLY D 14 -24.39 13.10 -10.23
CA GLY D 14 -23.69 13.92 -11.21
C GLY D 14 -22.85 14.99 -10.54
N TYR D 15 -22.00 15.65 -11.32
CA TYR D 15 -21.17 16.73 -10.78
C TYR D 15 -22.01 17.93 -10.33
N ASP D 16 -23.02 18.25 -11.13
CA ASP D 16 -23.96 19.34 -10.80
C ASP D 16 -25.40 18.82 -10.84
N PRO D 17 -25.90 18.34 -9.70
CA PRO D 17 -27.16 17.62 -9.72
C PRO D 17 -28.34 18.53 -10.11
N ILE D 18 -29.26 17.96 -10.90
CA ILE D 18 -30.47 18.64 -11.36
C ILE D 18 -31.49 18.61 -10.23
N HIS D 19 -32.05 19.77 -9.92
CA HIS D 19 -33.03 19.89 -8.84
C HIS D 19 -34.37 20.40 -9.32
N CYS D 20 -35.39 19.56 -9.13
CA CYS D 20 -36.80 19.93 -9.33
C CYS D 20 -37.10 20.60 -10.68
ZN ZN E . 11.97 -9.04 17.31
CL CL F . 18.72 -12.63 -14.69
CL CL G . 5.45 -24.71 -14.33
CL CL H . 12.19 -28.47 -12.51
CL CL I . -5.15 -15.22 -18.54
CL CL J . 17.22 -5.58 -15.12
CL CL K . 0.27 -19.74 -15.31
CL CL L . 31.89 -23.37 -0.60
ZN ZN M . -1.42 20.00 11.33
CL CL N . -23.76 -0.86 -1.49
CL CL O . -30.44 24.86 4.53
CL CL P . -25.40 2.99 -8.37
CL CL Q . -22.40 -2.80 -11.17
CL CL R . -8.55 12.31 -19.21
CL CL S . -18.37 11.75 -19.32
#